data_7QPB
#
_entry.id   7QPB
#
_cell.length_a   149.910
_cell.length_b   59.050
_cell.length_c   67.300
_cell.angle_alpha   90.00
_cell.angle_beta   95.47
_cell.angle_gamma   90.00
#
_symmetry.space_group_name_H-M   'C 1 2 1'
#
loop_
_entity.id
_entity.type
_entity.pdbx_description
1 polymer 'Isoform I of Ubiquitin-protein ligase E3A'
2 polymer 'hybrid foldamer-peptide macrocycle'
3 water water
#
loop_
_entity_poly.entity_id
_entity_poly.type
_entity_poly.pdbx_seq_one_letter_code
_entity_poly.pdbx_strand_id
1 'polypeptide(L)'
;GPNLDFQALEETTEYDGGYTRDSVLIREFWEIVHSFTDEQKRLFLQFTTGTDRAPVGGLGKLKMIIAKNGPDTERLPTSH
TCFNVLLLPEYSSKEKLKERLLKAITYAKGFGML
;
A,B,C,D
2 'polypeptide(L)' (ZY9)(9JC)(ZY9)(9JV)GFWRYVYQK(CCS)(GM1) H,I
#
loop_
_chem_comp.id
_chem_comp.type
_chem_comp.name
_chem_comp.formula
GM1 non-polymer AMINOMETHYLAMIDE 'C2 H6 N2 O'
#
# COMPACT_ATOMS: atom_id res chain seq x y z
N ASN A 3 -22.33 9.98 -7.26
CA ASN A 3 -22.31 8.66 -7.88
C ASN A 3 -21.92 7.59 -6.87
N LEU A 4 -21.55 6.40 -7.37
CA LEU A 4 -21.22 5.27 -6.52
C LEU A 4 -19.84 4.70 -6.83
N ASP A 5 -19.06 5.35 -7.70
CA ASP A 5 -17.72 4.89 -8.05
C ASP A 5 -16.77 5.28 -6.91
N PHE A 6 -16.85 4.51 -5.83
CA PHE A 6 -16.03 4.78 -4.65
C PHE A 6 -14.61 4.24 -4.78
N GLN A 7 -14.33 3.42 -5.79
CA GLN A 7 -12.95 3.03 -6.06
C GLN A 7 -12.14 4.21 -6.57
N ALA A 8 -12.72 5.01 -7.48
CA ALA A 8 -12.03 6.20 -7.96
C ALA A 8 -11.84 7.20 -6.83
N LEU A 9 -12.79 7.28 -5.90
CA LEU A 9 -12.63 8.13 -4.73
C LEU A 9 -11.44 7.67 -3.88
N GLU A 10 -11.32 6.35 -3.70
CA GLU A 10 -10.21 5.80 -2.91
C GLU A 10 -8.87 6.00 -3.60
N GLU A 11 -8.86 6.03 -4.93
CA GLU A 11 -7.60 6.11 -5.67
C GLU A 11 -6.95 7.49 -5.53
N THR A 12 -7.73 8.53 -5.29
CA THR A 12 -7.19 9.88 -5.17
C THR A 12 -7.28 10.44 -3.75
N THR A 13 -7.71 9.64 -2.78
CA THR A 13 -7.81 10.11 -1.41
C THR A 13 -6.42 10.28 -0.81
N GLU A 14 -6.25 11.34 -0.02
CA GLU A 14 -5.01 11.61 0.68
C GLU A 14 -5.24 11.58 2.19
N TYR A 15 -4.16 11.34 2.93
CA TYR A 15 -4.24 11.08 4.35
C TYR A 15 -3.26 11.98 5.10
N ASP A 16 -3.63 12.36 6.32
CA ASP A 16 -2.85 13.30 7.10
C ASP A 16 -3.03 12.99 8.59
N GLY A 17 -2.26 13.71 9.42
CA GLY A 17 -2.40 13.60 10.85
C GLY A 17 -1.89 12.31 11.44
N GLY A 18 -1.19 11.50 10.66
CA GLY A 18 -0.72 10.19 11.10
C GLY A 18 -1.32 9.02 10.35
N TYR A 19 -2.34 9.24 9.53
CA TYR A 19 -2.88 8.19 8.70
C TYR A 19 -2.06 8.03 7.42
N THR A 20 -2.01 6.81 6.92
CA THR A 20 -1.59 6.53 5.55
C THR A 20 -2.53 5.50 4.96
N ARG A 21 -2.28 5.10 3.72
CA ARG A 21 -3.10 4.09 3.07
C ARG A 21 -2.97 2.72 3.72
N ASP A 22 -1.92 2.51 4.53
CA ASP A 22 -1.69 1.22 5.18
C ASP A 22 -2.12 1.21 6.63
N SER A 23 -2.70 2.29 7.14
CA SER A 23 -3.22 2.29 8.50
C SER A 23 -4.37 1.31 8.62
N VAL A 24 -4.47 0.63 9.77
CA VAL A 24 -5.50 -0.39 9.96
C VAL A 24 -6.89 0.22 9.86
N LEU A 25 -7.10 1.35 10.53
CA LEU A 25 -8.41 2.00 10.51
C LEU A 25 -8.77 2.52 9.12
N ILE A 26 -7.76 2.87 8.32
CA ILE A 26 -8.02 3.39 6.98
C ILE A 26 -8.51 2.27 6.07
N ARG A 27 -7.85 1.11 6.11
CA ARG A 27 -8.32 -0.03 5.33
C ARG A 27 -9.67 -0.53 5.83
N GLU A 28 -9.92 -0.43 7.13
CA GLU A 28 -11.24 -0.77 7.65
C GLU A 28 -12.30 0.22 7.17
N PHE A 29 -11.91 1.50 7.07
CA PHE A 29 -12.83 2.52 6.54
C PHE A 29 -13.28 2.15 5.14
N TRP A 30 -12.33 1.77 4.27
CA TRP A 30 -12.65 1.51 2.88
C TRP A 30 -13.47 0.22 2.73
N GLU A 31 -13.22 -0.78 3.57
CA GLU A 31 -14.09 -1.96 3.58
C GLU A 31 -15.52 -1.56 3.94
N ILE A 32 -15.68 -0.64 4.88
CA ILE A 32 -17.02 -0.26 5.33
C ILE A 32 -17.78 0.48 4.23
N VAL A 33 -17.14 1.50 3.65
CA VAL A 33 -17.84 2.33 2.66
C VAL A 33 -18.03 1.59 1.34
N HIS A 34 -17.14 0.63 1.03
CA HIS A 34 -17.34 -0.15 -0.17
C HIS A 34 -18.50 -1.12 -0.03
N SER A 35 -18.86 -1.49 1.20
CA SER A 35 -20.05 -2.27 1.47
C SER A 35 -21.28 -1.40 1.76
N PHE A 36 -21.14 -0.07 1.66
CA PHE A 36 -22.26 0.81 1.86
C PHE A 36 -23.34 0.55 0.81
N THR A 37 -24.59 0.71 1.20
CA THR A 37 -25.67 0.74 0.23
C THR A 37 -25.59 2.02 -0.60
N ASP A 38 -26.34 2.04 -1.70
CA ASP A 38 -26.36 3.24 -2.55
C ASP A 38 -26.82 4.46 -1.76
N GLU A 39 -27.81 4.28 -0.88
CA GLU A 39 -28.26 5.38 -0.05
C GLU A 39 -27.16 5.86 0.89
N GLN A 40 -26.44 4.92 1.50
CA GLN A 40 -25.38 5.28 2.43
C GLN A 40 -24.20 5.94 1.73
N LYS A 41 -23.90 5.52 0.49
CA LYS A 41 -22.86 6.19 -0.27
C LYS A 41 -23.23 7.64 -0.55
N ARG A 42 -24.49 7.89 -0.93
CA ARG A 42 -24.94 9.26 -1.18
C ARG A 42 -24.97 10.07 0.10
N LEU A 43 -25.37 9.44 1.22
CA LEU A 43 -25.34 10.13 2.50
C LEU A 43 -23.91 10.47 2.90
N PHE A 44 -22.96 9.58 2.61
CA PHE A 44 -21.56 9.86 2.92
C PHE A 44 -21.04 11.04 2.11
N LEU A 45 -21.37 11.07 0.81
CA LEU A 45 -20.94 12.19 -0.02
C LEU A 45 -21.52 13.51 0.47
N GLN A 46 -22.83 13.51 0.77
CA GLN A 46 -23.46 14.72 1.29
C GLN A 46 -22.85 15.16 2.61
N PHE A 47 -22.41 14.21 3.43
CA PHE A 47 -21.79 14.54 4.71
C PHE A 47 -20.37 15.05 4.55
N THR A 48 -19.63 14.52 3.57
CA THR A 48 -18.22 14.84 3.42
C THR A 48 -17.95 15.95 2.42
N THR A 49 -18.78 16.09 1.40
CA THR A 49 -18.56 17.08 0.36
C THR A 49 -19.66 18.13 0.26
N GLY A 50 -20.75 18.00 1.02
CA GLY A 50 -21.86 18.91 0.93
C GLY A 50 -22.89 18.55 -0.11
N THR A 51 -22.61 17.56 -0.96
CA THR A 51 -23.54 17.16 -2.00
C THR A 51 -23.38 15.67 -2.27
N ASP A 52 -24.44 15.05 -2.76
CA ASP A 52 -24.39 13.65 -3.16
C ASP A 52 -24.20 13.47 -4.65
N ARG A 53 -24.07 14.55 -5.40
CA ARG A 53 -23.84 14.47 -6.84
C ARG A 53 -22.34 14.31 -7.12
N ALA A 54 -22.03 13.52 -8.14
CA ALA A 54 -20.64 13.34 -8.50
C ALA A 54 -20.14 14.53 -9.32
N PRO A 55 -18.91 14.95 -9.13
CA PRO A 55 -18.36 16.04 -9.95
C PRO A 55 -18.15 15.58 -11.38
N VAL A 56 -17.96 16.55 -12.26
CA VAL A 56 -17.58 16.25 -13.64
C VAL A 56 -16.21 15.59 -13.63
N GLY A 57 -16.16 14.34 -14.08
CA GLY A 57 -14.95 13.55 -14.02
C GLY A 57 -14.95 12.46 -12.96
N GLY A 58 -16.05 12.26 -12.26
CA GLY A 58 -16.15 11.21 -11.26
C GLY A 58 -15.70 11.66 -9.88
N LEU A 59 -15.90 10.77 -8.92
CA LEU A 59 -15.57 11.06 -7.53
C LEU A 59 -14.08 11.24 -7.30
N GLY A 60 -13.24 10.78 -8.23
CA GLY A 60 -11.81 10.96 -8.10
C GLY A 60 -11.40 12.42 -8.08
N LYS A 61 -12.20 13.28 -8.71
CA LYS A 61 -11.92 14.71 -8.72
C LYS A 61 -12.21 15.39 -7.39
N LEU A 62 -12.88 14.70 -6.46
CA LEU A 62 -13.17 15.28 -5.16
C LEU A 62 -11.91 15.57 -4.37
N LYS A 63 -10.87 14.76 -4.54
CA LYS A 63 -9.62 14.89 -3.79
C LYS A 63 -9.88 14.86 -2.29
N MET A 64 -10.58 13.82 -1.84
CA MET A 64 -10.92 13.70 -0.43
C MET A 64 -9.67 13.55 0.42
N ILE A 65 -9.72 14.11 1.62
CA ILE A 65 -8.65 13.98 2.61
C ILE A 65 -9.25 13.39 3.88
N ILE A 66 -8.62 12.34 4.40
CA ILE A 66 -8.96 11.77 5.69
C ILE A 66 -7.83 12.11 6.65
N ALA A 67 -8.11 12.98 7.61
CA ALA A 67 -7.14 13.41 8.61
C ALA A 67 -7.53 12.84 9.97
N LYS A 68 -6.51 12.53 10.79
CA LYS A 68 -6.75 12.00 12.11
C LYS A 68 -7.17 13.13 13.05
N ASN A 69 -8.31 12.96 13.70
CA ASN A 69 -8.91 13.98 14.57
C ASN A 69 -9.05 13.42 15.97
N GLY A 70 -7.92 13.29 16.67
CA GLY A 70 -7.92 12.86 18.05
C GLY A 70 -7.94 11.36 18.21
N PRO A 71 -7.81 10.88 19.46
CA PRO A 71 -7.79 9.44 19.71
C PRO A 71 -9.18 8.83 19.77
N ASP A 72 -9.27 7.58 20.24
CA ASP A 72 -10.55 6.91 20.37
C ASP A 72 -11.50 7.71 21.25
N THR A 73 -12.77 7.75 20.84
CA THR A 73 -13.77 8.58 21.49
C THR A 73 -15.13 8.08 21.01
N GLU A 74 -16.17 8.53 21.71
CA GLU A 74 -17.54 8.31 21.28
C GLU A 74 -18.09 9.49 20.50
N ARG A 75 -17.29 10.54 20.31
CA ARG A 75 -17.67 11.61 19.41
C ARG A 75 -17.74 11.10 17.97
N LEU A 76 -18.52 11.78 17.16
CA LEU A 76 -18.69 11.39 15.77
C LEU A 76 -17.61 12.02 14.91
N PRO A 77 -17.33 11.43 13.74
CA PRO A 77 -16.44 12.10 12.79
C PRO A 77 -17.10 13.36 12.26
N THR A 78 -16.28 14.36 11.95
CA THR A 78 -16.75 15.61 11.38
C THR A 78 -16.17 15.77 9.97
N SER A 79 -16.49 16.89 9.34
CA SER A 79 -16.01 17.13 7.99
C SER A 79 -15.99 18.62 7.72
N HIS A 80 -15.21 19.00 6.73
CA HIS A 80 -15.20 20.36 6.24
C HIS A 80 -15.63 20.13 4.82
N THR A 81 -16.89 20.36 4.53
CA THR A 81 -17.47 20.11 3.21
C THR A 81 -16.97 21.08 2.15
N CYS A 82 -16.48 22.26 2.55
CA CYS A 82 -15.93 23.19 1.58
C CYS A 82 -14.66 22.66 0.94
N PHE A 83 -14.03 21.65 1.54
CA PHE A 83 -12.75 21.16 1.04
C PHE A 83 -12.67 19.64 1.03
N ASN A 84 -13.80 18.95 1.16
CA ASN A 84 -13.86 17.49 1.07
C ASN A 84 -12.92 16.83 2.08
N VAL A 85 -12.87 17.38 3.29
CA VAL A 85 -12.00 16.89 4.34
C VAL A 85 -12.84 16.09 5.33
N LEU A 86 -12.47 14.83 5.52
CA LEU A 86 -13.11 13.99 6.54
C LEU A 86 -12.19 13.94 7.76
N LEU A 87 -12.70 14.41 8.90
CA LEU A 87 -11.98 14.37 10.17
C LEU A 87 -12.42 13.12 10.92
N LEU A 88 -11.49 12.21 11.17
CA LEU A 88 -11.81 10.87 11.65
C LEU A 88 -10.98 10.54 12.88
N PRO A 89 -11.60 10.44 14.06
CA PRO A 89 -10.86 9.95 15.23
C PRO A 89 -10.41 8.51 15.02
N GLU A 90 -9.34 8.13 15.72
CA GLU A 90 -8.81 6.78 15.62
C GLU A 90 -9.60 5.87 16.54
N TYR A 91 -10.75 5.41 16.03
CA TYR A 91 -11.60 4.50 16.78
C TYR A 91 -10.89 3.16 16.99
N SER A 92 -11.36 2.43 18.00
CA SER A 92 -10.66 1.24 18.45
C SER A 92 -10.98 -0.02 17.65
N SER A 93 -12.08 -0.03 16.90
CA SER A 93 -12.46 -1.20 16.13
C SER A 93 -13.17 -0.78 14.86
N LYS A 94 -13.35 -1.74 13.96
N LYS A 94 -13.37 -1.75 13.95
CA LYS A 94 -14.10 -1.48 12.72
CA LYS A 94 -14.09 -1.47 12.72
C LYS A 94 -15.58 -1.33 13.01
C LYS A 94 -15.60 -1.39 12.96
N GLU A 95 -16.12 -2.11 13.95
CA GLU A 95 -17.54 -2.02 14.27
C GLU A 95 -17.86 -0.67 14.88
N LYS A 96 -16.97 -0.14 15.72
CA LYS A 96 -17.17 1.19 16.28
C LYS A 96 -17.09 2.27 15.20
N LEU A 97 -16.09 2.15 14.31
CA LEU A 97 -15.96 3.10 13.21
C LEU A 97 -17.19 3.09 12.33
N LYS A 98 -17.68 1.89 11.98
CA LYS A 98 -18.89 1.79 11.17
C LYS A 98 -20.09 2.41 11.89
N GLU A 99 -20.22 2.14 13.18
CA GLU A 99 -21.35 2.68 13.94
C GLU A 99 -21.27 4.20 14.02
N ARG A 100 -20.09 4.74 14.35
CA ARG A 100 -19.94 6.19 14.49
C ARG A 100 -20.14 6.90 13.15
N LEU A 101 -19.63 6.29 12.07
CA LEU A 101 -19.75 6.92 10.76
C LEU A 101 -21.18 6.88 10.24
N LEU A 102 -21.89 5.79 10.51
CA LEU A 102 -23.30 5.70 10.08
C LEU A 102 -24.15 6.71 10.85
N LYS A 103 -23.95 6.83 12.16
CA LYS A 103 -24.71 7.80 12.94
C LYS A 103 -24.43 9.23 12.49
N ALA A 104 -23.19 9.49 12.07
CA ALA A 104 -22.82 10.85 11.65
C ALA A 104 -23.48 11.22 10.33
N ILE A 105 -23.49 10.30 9.36
CA ILE A 105 -24.01 10.63 8.05
C ILE A 105 -25.53 10.50 7.96
N THR A 106 -26.16 9.74 8.87
CA THR A 106 -27.61 9.63 8.84
C THR A 106 -28.29 10.79 9.57
N TYR A 107 -27.65 11.32 10.61
CA TYR A 107 -28.21 12.44 11.37
C TYR A 107 -27.56 13.77 11.01
N ALA A 108 -27.10 13.91 9.77
CA ALA A 108 -26.54 15.17 9.30
C ALA A 108 -26.49 15.18 7.77
N ASN B 3 24.30 8.48 -3.16
CA ASN B 3 24.38 7.21 -2.45
C ASN B 3 23.48 6.17 -3.08
N LEU B 4 23.06 5.19 -2.28
CA LEU B 4 22.20 4.10 -2.74
C LEU B 4 20.81 4.25 -2.15
N ASP B 5 20.12 5.32 -2.55
CA ASP B 5 18.77 5.54 -2.03
C ASP B 5 17.85 4.43 -2.51
N PHE B 6 17.82 3.32 -1.78
CA PHE B 6 16.93 2.22 -2.14
C PHE B 6 15.47 2.54 -1.85
N GLN B 7 15.21 3.53 -0.98
CA GLN B 7 13.84 4.00 -0.82
C GLN B 7 13.36 4.73 -2.07
N ALA B 8 14.26 5.46 -2.73
CA ALA B 8 13.92 6.09 -4.01
C ALA B 8 13.71 5.04 -5.10
N LEU B 9 14.38 3.89 -4.99
CA LEU B 9 14.15 2.80 -5.92
C LEU B 9 12.77 2.18 -5.70
N GLU B 10 12.39 1.99 -4.44
CA GLU B 10 11.09 1.41 -4.12
C GLU B 10 9.95 2.32 -4.58
N GLU B 11 10.15 3.64 -4.51
CA GLU B 11 9.09 4.58 -4.83
C GLU B 11 8.66 4.49 -6.29
N THR B 12 9.58 4.16 -7.19
CA THR B 12 9.29 4.12 -8.61
C THR B 12 9.24 2.72 -9.18
N THR B 13 9.36 1.69 -8.34
CA THR B 13 9.33 0.32 -8.85
C THR B 13 7.90 -0.08 -9.20
N GLU B 14 7.74 -0.67 -10.39
CA GLU B 14 6.46 -1.19 -10.85
C GLU B 14 6.49 -2.71 -10.82
N TYR B 15 5.30 -3.30 -10.91
CA TYR B 15 5.13 -4.73 -10.74
C TYR B 15 4.20 -5.29 -11.80
N ASP B 16 4.47 -6.53 -12.20
CA ASP B 16 3.75 -7.16 -13.31
C ASP B 16 3.66 -8.65 -13.07
N GLY B 17 2.81 -9.31 -13.86
CA GLY B 17 2.69 -10.75 -13.79
C GLY B 17 1.92 -11.27 -12.60
N GLY B 18 1.18 -10.41 -11.91
CA GLY B 18 0.44 -10.79 -10.73
C GLY B 18 0.90 -10.12 -9.45
N TYR B 19 2.06 -9.48 -9.44
CA TYR B 19 2.54 -8.76 -8.28
C TYR B 19 1.89 -7.39 -8.19
N THR B 20 1.67 -6.93 -6.97
CA THR B 20 1.37 -5.54 -6.65
C THR B 20 2.24 -5.15 -5.46
N ARG B 21 2.13 -3.87 -5.05
CA ARG B 21 2.88 -3.44 -3.88
C ARG B 21 2.38 -4.09 -2.60
N ASP B 22 1.20 -4.71 -2.62
CA ASP B 22 0.61 -5.33 -1.45
C ASP B 22 0.89 -6.82 -1.34
N SER B 23 1.51 -7.43 -2.35
CA SER B 23 1.84 -8.85 -2.29
C SER B 23 2.84 -9.12 -1.17
N VAL B 24 2.68 -10.27 -0.50
CA VAL B 24 3.53 -10.57 0.65
C VAL B 24 4.99 -10.72 0.23
N LEU B 25 5.23 -11.22 -0.99
CA LEU B 25 6.60 -11.43 -1.43
C LEU B 25 7.27 -10.11 -1.79
N ILE B 26 6.51 -9.16 -2.35
CA ILE B 26 7.08 -7.86 -2.67
C ILE B 26 7.46 -7.12 -1.39
N ARG B 27 6.62 -7.18 -0.38
CA ARG B 27 6.98 -6.61 0.92
C ARG B 27 8.19 -7.33 1.52
N GLU B 28 8.25 -8.65 1.36
CA GLU B 28 9.42 -9.39 1.85
C GLU B 28 10.67 -9.03 1.07
N PHE B 29 10.54 -8.78 -0.23
CA PHE B 29 11.67 -8.37 -1.04
C PHE B 29 12.26 -7.05 -0.54
N TRP B 30 11.40 -6.10 -0.20
CA TRP B 30 11.88 -4.77 0.17
C TRP B 30 12.50 -4.78 1.56
N GLU B 31 11.92 -5.54 2.50
CA GLU B 31 12.55 -5.70 3.80
C GLU B 31 13.91 -6.37 3.69
N ILE B 32 14.09 -7.25 2.71
CA ILE B 32 15.37 -7.91 2.52
C ILE B 32 16.40 -6.93 1.99
N VAL B 33 16.07 -6.22 0.91
CA VAL B 33 17.05 -5.34 0.27
C VAL B 33 17.30 -4.07 1.06
N HIS B 34 16.36 -3.64 1.91
CA HIS B 34 16.61 -2.46 2.74
C HIS B 34 17.59 -2.77 3.86
N SER B 35 17.66 -4.03 4.29
CA SER B 35 18.62 -4.48 5.28
C SER B 35 19.91 -4.98 4.66
N PHE B 36 20.05 -4.91 3.35
CA PHE B 36 21.29 -5.33 2.69
C PHE B 36 22.44 -4.42 3.11
N THR B 37 23.65 -4.98 3.09
CA THR B 37 24.84 -4.16 3.26
C THR B 37 25.07 -3.34 1.99
N ASP B 38 25.98 -2.38 2.08
CA ASP B 38 26.28 -1.53 0.92
C ASP B 38 26.86 -2.35 -0.22
N GLU B 39 27.60 -3.42 0.08
CA GLU B 39 28.14 -4.26 -0.97
C GLU B 39 27.05 -5.12 -1.60
N GLN B 40 26.14 -5.65 -0.79
CA GLN B 40 25.04 -6.44 -1.33
C GLN B 40 24.13 -5.58 -2.20
N LYS B 41 23.94 -4.32 -1.82
CA LYS B 41 23.10 -3.42 -2.61
C LYS B 41 23.76 -3.07 -3.94
N ARG B 42 25.08 -2.87 -3.93
CA ARG B 42 25.80 -2.65 -5.18
C ARG B 42 25.77 -3.90 -6.06
N LEU B 43 25.90 -5.07 -5.43
CA LEU B 43 25.78 -6.32 -6.18
C LEU B 43 24.38 -6.48 -6.76
N PHE B 44 23.35 -6.08 -5.99
CA PHE B 44 21.99 -6.17 -6.51
C PHE B 44 21.79 -5.25 -7.70
N LEU B 45 22.34 -4.03 -7.64
CA LEU B 45 22.22 -3.11 -8.76
C LEU B 45 22.94 -3.63 -9.98
N GLN B 46 24.12 -4.24 -9.79
CA GLN B 46 24.86 -4.80 -10.91
C GLN B 46 24.10 -5.96 -11.54
N PHE B 47 23.37 -6.73 -10.72
CA PHE B 47 22.64 -7.89 -11.24
C PHE B 47 21.41 -7.45 -12.04
N THR B 48 20.69 -6.45 -11.55
CA THR B 48 19.42 -6.08 -12.15
C THR B 48 19.55 -5.01 -13.22
N THR B 49 20.53 -4.11 -13.12
CA THR B 49 20.68 -3.01 -14.06
C THR B 49 21.94 -3.06 -14.90
N GLY B 50 22.96 -3.83 -14.49
CA GLY B 50 24.21 -3.92 -15.22
C GLY B 50 25.33 -3.08 -14.66
N THR B 51 25.07 -2.30 -13.62
CA THR B 51 26.09 -1.46 -13.00
C THR B 51 25.70 -1.18 -11.56
N ASP B 52 26.70 -0.86 -10.75
CA ASP B 52 26.49 -0.50 -9.35
C ASP B 52 26.45 1.01 -9.13
N ARG B 53 26.67 1.80 -10.18
CA ARG B 53 26.62 3.25 -10.09
C ARG B 53 25.21 3.74 -10.30
N ALA B 54 24.73 4.56 -9.38
CA ALA B 54 23.39 5.13 -9.51
C ALA B 54 23.37 6.08 -10.70
N PRO B 55 22.30 6.08 -11.50
CA PRO B 55 22.21 7.03 -12.60
C PRO B 55 21.99 8.45 -12.09
N VAL B 56 22.17 9.41 -13.01
CA VAL B 56 21.90 10.80 -12.67
C VAL B 56 20.42 10.95 -12.32
N GLY B 57 20.14 11.64 -11.22
CA GLY B 57 18.80 11.77 -10.71
C GLY B 57 18.42 10.75 -9.65
N GLY B 58 19.34 9.86 -9.28
CA GLY B 58 19.09 8.89 -8.23
C GLY B 58 18.58 7.56 -8.76
N LEU B 59 18.45 6.61 -7.84
CA LEU B 59 17.96 5.28 -8.19
C LEU B 59 16.51 5.30 -8.64
N GLY B 60 15.75 6.34 -8.31
CA GLY B 60 14.37 6.42 -8.76
C GLY B 60 14.24 6.45 -10.27
N LYS B 61 15.25 6.97 -10.97
CA LYS B 61 15.22 7.04 -12.42
C LYS B 61 15.44 5.68 -13.09
N LEU B 62 15.76 4.64 -12.31
CA LEU B 62 15.96 3.32 -12.92
C LEU B 62 14.66 2.73 -13.43
N LYS B 63 13.54 3.10 -12.81
CA LYS B 63 12.22 2.57 -13.18
C LYS B 63 12.24 1.04 -13.17
N MET B 64 12.63 0.47 -12.04
CA MET B 64 12.76 -0.97 -11.92
C MET B 64 11.40 -1.65 -11.98
N ILE B 65 11.37 -2.81 -12.62
CA ILE B 65 10.16 -3.63 -12.72
C ILE B 65 10.46 -4.98 -12.09
N ILE B 66 9.57 -5.42 -11.21
CA ILE B 66 9.59 -6.77 -10.65
C ILE B 66 8.40 -7.52 -11.20
N ALA B 67 8.65 -8.55 -12.00
CA ALA B 67 7.60 -9.34 -12.63
C ALA B 67 7.66 -10.77 -12.12
N LYS B 68 6.50 -11.34 -11.85
CA LYS B 68 6.44 -12.73 -11.42
C LYS B 68 6.84 -13.66 -12.55
N ASN B 69 7.75 -14.58 -12.26
CA ASN B 69 8.28 -15.50 -13.26
C ASN B 69 8.17 -16.93 -12.72
N GLY B 70 6.94 -17.42 -12.59
CA GLY B 70 6.69 -18.78 -12.19
C GLY B 70 6.48 -18.94 -10.70
N PRO B 71 6.16 -20.16 -10.27
CA PRO B 71 5.95 -20.40 -8.83
C PRO B 71 7.23 -20.69 -8.08
N ASP B 72 7.10 -21.23 -6.86
CA ASP B 72 8.27 -21.59 -6.07
C ASP B 72 9.11 -22.63 -6.78
N THR B 73 10.42 -22.51 -6.65
CA THR B 73 11.36 -23.36 -7.37
C THR B 73 12.74 -23.18 -6.77
N GLU B 74 13.65 -24.09 -7.14
CA GLU B 74 15.06 -23.94 -6.79
C GLU B 74 15.78 -23.00 -7.75
N ARG B 75 15.14 -22.64 -8.85
CA ARG B 75 15.73 -21.75 -9.84
C ARG B 75 15.99 -20.38 -9.26
N LEU B 76 17.09 -19.76 -9.67
CA LEU B 76 17.40 -18.43 -9.17
C LEU B 76 16.56 -17.38 -9.92
N PRO B 77 16.42 -16.19 -9.34
CA PRO B 77 15.81 -15.09 -10.10
C PRO B 77 16.72 -14.64 -11.22
N THR B 78 16.12 -14.13 -12.28
CA THR B 78 16.83 -13.64 -13.44
C THR B 78 16.57 -12.14 -13.61
N SER B 79 17.22 -11.54 -14.60
CA SER B 79 17.09 -10.11 -14.83
C SER B 79 17.30 -9.80 -16.30
N HIS B 80 16.75 -8.68 -16.73
CA HIS B 80 16.97 -8.16 -18.06
C HIS B 80 17.66 -6.84 -17.76
N THR B 81 18.96 -6.83 -17.75
CA THR B 81 19.67 -5.62 -17.43
C THR B 81 19.47 -4.43 -18.35
N CYS B 82 19.23 -4.66 -19.62
CA CYS B 82 19.02 -3.58 -20.57
C CYS B 82 17.76 -2.77 -20.26
N PHE B 83 16.88 -3.29 -19.40
CA PHE B 83 15.65 -2.57 -19.08
C PHE B 83 15.33 -2.59 -17.59
N ASN B 84 16.30 -2.96 -16.74
CA ASN B 84 16.14 -2.96 -15.29
C ASN B 84 14.90 -3.73 -14.86
N VAL B 85 14.74 -4.94 -15.40
CA VAL B 85 13.62 -5.81 -15.10
C VAL B 85 14.11 -6.97 -14.24
N LEU B 86 13.41 -7.23 -13.15
CA LEU B 86 13.72 -8.34 -12.25
C LEU B 86 12.63 -9.39 -12.38
N LEU B 87 13.00 -10.56 -12.87
CA LEU B 87 12.06 -11.69 -12.98
C LEU B 87 12.21 -12.55 -11.74
N LEU B 88 11.17 -12.58 -10.91
CA LEU B 88 11.22 -13.16 -9.58
C LEU B 88 10.20 -14.29 -9.45
N PRO B 89 10.63 -15.54 -9.28
CA PRO B 89 9.65 -16.60 -8.95
C PRO B 89 9.01 -16.32 -7.59
N GLU B 90 7.78 -16.81 -7.43
CA GLU B 90 7.05 -16.61 -6.19
C GLU B 90 7.51 -17.64 -5.18
N TYR B 91 8.62 -17.32 -4.50
CA TYR B 91 9.19 -18.24 -3.53
C TYR B 91 8.25 -18.40 -2.33
N SER B 92 8.48 -19.48 -1.57
CA SER B 92 7.55 -19.83 -0.51
C SER B 92 7.81 -19.05 0.77
N SER B 93 9.05 -18.65 1.03
CA SER B 93 9.39 -17.99 2.28
C SER B 93 10.28 -16.78 2.01
N LYS B 94 10.36 -15.91 3.03
CA LYS B 94 11.26 -14.77 2.96
C LYS B 94 12.71 -15.22 3.03
N GLU B 95 13.01 -16.22 3.87
CA GLU B 95 14.37 -16.72 3.97
C GLU B 95 14.82 -17.39 2.67
N LYS B 96 13.91 -18.11 2.02
CA LYS B 96 14.24 -18.73 0.74
C LYS B 96 14.46 -17.68 -0.34
N LEU B 97 13.64 -16.63 -0.36
CA LEU B 97 13.82 -15.55 -1.33
C LEU B 97 15.16 -14.87 -1.15
N LYS B 98 15.56 -14.61 0.11
CA LYS B 98 16.84 -13.97 0.36
C LYS B 98 18.00 -14.87 -0.07
N GLU B 99 17.92 -16.17 0.21
CA GLU B 99 18.98 -17.09 -0.17
C GLU B 99 19.12 -17.17 -1.68
N ARG B 100 18.01 -17.34 -2.39
CA ARG B 100 18.05 -17.41 -3.85
C ARG B 100 18.55 -16.10 -4.45
N LEU B 101 18.11 -14.96 -3.90
CA LEU B 101 18.50 -13.67 -4.45
C LEU B 101 19.97 -13.37 -4.18
N LEU B 102 20.46 -13.71 -2.98
CA LEU B 102 21.85 -13.46 -2.66
C LEU B 102 22.78 -14.38 -3.47
N LYS B 103 22.37 -15.63 -3.66
CA LYS B 103 23.16 -16.54 -4.49
C LYS B 103 23.21 -16.05 -5.94
N ALA B 104 22.11 -15.47 -6.42
CA ALA B 104 22.07 -15.00 -7.80
C ALA B 104 22.94 -13.76 -8.00
N ILE B 105 22.90 -12.81 -7.06
CA ILE B 105 23.60 -11.55 -7.28
C ILE B 105 25.09 -11.65 -6.97
N THR B 106 25.54 -12.71 -6.31
CA THR B 106 26.96 -12.89 -6.03
C THR B 106 27.61 -13.96 -6.90
N TYR B 107 26.85 -14.95 -7.37
CA TYR B 107 27.37 -16.00 -8.21
C TYR B 107 26.80 -16.01 -9.62
N ALA B 108 25.90 -15.09 -9.95
CA ALA B 108 25.32 -15.05 -11.29
C ALA B 108 25.08 -13.61 -11.72
N ASN C 3 24.23 20.16 25.96
CA ASN C 3 23.37 19.71 24.86
C ASN C 3 23.32 18.19 24.80
N LEU C 4 23.76 17.55 25.88
CA LEU C 4 23.72 16.10 25.99
C LEU C 4 22.77 15.61 27.08
N ASP C 5 22.12 16.53 27.80
CA ASP C 5 21.15 16.17 28.83
C ASP C 5 19.81 15.86 28.15
N PHE C 6 19.70 14.63 27.67
CA PHE C 6 18.47 14.21 26.98
C PHE C 6 17.35 13.84 27.95
N GLN C 7 17.66 13.73 29.25
CA GLN C 7 16.59 13.62 30.24
C GLN C 7 15.79 14.91 30.32
N ALA C 8 16.48 16.06 30.23
CA ALA C 8 15.79 17.34 30.16
C ALA C 8 15.00 17.48 28.86
N LEU C 9 15.46 16.83 27.80
CA LEU C 9 14.70 16.84 26.55
C LEU C 9 13.42 16.04 26.70
N GLU C 10 13.47 14.89 27.37
CA GLU C 10 12.29 14.05 27.54
C GLU C 10 11.24 14.71 28.43
N GLU C 11 11.68 15.45 29.45
CA GLU C 11 10.74 16.04 30.40
C GLU C 11 9.79 17.04 29.75
N THR C 12 10.15 17.60 28.60
CA THR C 12 9.35 18.62 27.94
C THR C 12 8.80 18.17 26.58
N THR C 13 9.16 16.98 26.12
CA THR C 13 8.70 16.50 24.83
C THR C 13 7.21 16.14 24.90
N GLU C 14 6.47 16.52 23.87
CA GLU C 14 5.07 16.14 23.71
C GLU C 14 4.92 15.33 22.43
N TYR C 15 3.69 14.90 22.15
CA TYR C 15 3.47 13.88 21.14
C TYR C 15 2.24 14.21 20.31
N ASP C 16 2.22 13.65 19.11
CA ASP C 16 1.17 13.94 18.14
C ASP C 16 0.98 12.72 17.23
N GLY C 17 -0.07 12.78 16.42
CA GLY C 17 -0.35 11.72 15.46
C GLY C 17 -0.85 10.43 16.06
N GLY C 18 -1.13 10.39 17.36
CA GLY C 18 -1.54 9.18 18.04
C GLY C 18 -0.60 8.72 19.12
N TYR C 19 0.62 9.26 19.18
CA TYR C 19 1.56 8.91 20.24
C TYR C 19 1.18 9.59 21.55
N THR C 20 1.47 8.90 22.65
CA THR C 20 1.51 9.49 23.98
C THR C 20 2.83 9.10 24.62
N ARG C 21 3.08 9.62 25.83
CA ARG C 21 4.30 9.25 26.54
C ARG C 21 4.30 7.79 26.96
N ASP C 22 3.14 7.13 26.95
CA ASP C 22 3.02 5.72 27.29
C ASP C 22 3.00 4.83 26.06
N SER C 23 3.23 5.38 24.88
CA SER C 23 3.30 4.56 23.67
C SER C 23 4.49 3.62 23.73
N VAL C 24 4.29 2.39 23.23
CA VAL C 24 5.39 1.42 23.17
C VAL C 24 6.52 1.97 22.31
N LEU C 25 6.17 2.48 21.12
CA LEU C 25 7.16 3.08 20.25
C LEU C 25 7.91 4.22 20.95
N ILE C 26 7.19 5.01 21.74
CA ILE C 26 7.80 6.17 22.40
C ILE C 26 8.80 5.71 23.46
N ARG C 27 8.42 4.71 24.27
CA ARG C 27 9.33 4.24 25.31
C ARG C 27 10.54 3.53 24.71
N GLU C 28 10.34 2.81 23.60
CA GLU C 28 11.48 2.26 22.88
C GLU C 28 12.40 3.35 22.40
N PHE C 29 11.84 4.45 21.89
CA PHE C 29 12.63 5.56 21.38
C PHE C 29 13.53 6.14 22.48
N TRP C 30 12.95 6.40 23.65
CA TRP C 30 13.73 6.99 24.74
C TRP C 30 14.76 6.01 25.29
N GLU C 31 14.48 4.70 25.22
CA GLU C 31 15.51 3.72 25.53
C GLU C 31 16.68 3.81 24.56
N ILE C 32 16.40 4.17 23.31
CA ILE C 32 17.44 4.23 22.29
C ILE C 32 18.29 5.48 22.47
N VAL C 33 17.65 6.65 22.50
CA VAL C 33 18.41 7.91 22.48
C VAL C 33 19.15 8.13 23.80
N HIS C 34 18.63 7.59 24.91
CA HIS C 34 19.37 7.69 26.17
C HIS C 34 20.66 6.89 26.11
N SER C 35 20.71 5.87 25.25
CA SER C 35 21.91 5.08 25.04
C SER C 35 22.78 5.60 23.90
N PHE C 36 22.38 6.70 23.26
CA PHE C 36 23.17 7.29 22.19
C PHE C 36 24.51 7.78 22.71
N THR C 37 25.49 7.84 21.82
CA THR C 37 26.76 8.48 22.14
C THR C 37 26.60 10.00 22.05
N ASP C 38 27.68 10.72 22.35
CA ASP C 38 27.61 12.17 22.31
C ASP C 38 27.45 12.69 20.88
N GLU C 39 28.10 12.03 19.92
CA GLU C 39 27.94 12.44 18.53
C GLU C 39 26.55 12.14 18.02
N GLN C 40 26.00 10.97 18.38
CA GLN C 40 24.66 10.62 17.92
C GLN C 40 23.60 11.54 18.52
N LYS C 41 23.83 12.04 19.74
CA LYS C 41 22.90 13.00 20.32
C LYS C 41 22.93 14.32 19.57
N ARG C 42 24.12 14.80 19.21
CA ARG C 42 24.22 16.04 18.45
C ARG C 42 23.64 15.88 17.06
N LEU C 43 23.87 14.72 16.42
CA LEU C 43 23.29 14.48 15.11
C LEU C 43 21.77 14.43 15.16
N PHE C 44 21.21 13.95 16.28
CA PHE C 44 19.76 13.95 16.43
C PHE C 44 19.22 15.36 16.58
N LEU C 45 19.90 16.20 17.37
CA LEU C 45 19.47 17.58 17.54
C LEU C 45 19.55 18.36 16.25
N GLN C 46 20.59 18.10 15.45
CA GLN C 46 20.72 18.76 14.15
C GLN C 46 19.62 18.33 13.19
N PHE C 47 19.31 17.03 13.17
CA PHE C 47 18.28 16.51 12.29
C PHE C 47 16.90 17.07 12.67
N THR C 48 16.60 17.09 13.96
CA THR C 48 15.26 17.43 14.41
C THR C 48 15.06 18.93 14.53
N THR C 49 16.07 19.66 14.99
CA THR C 49 15.91 21.09 15.29
C THR C 49 16.64 22.00 14.31
N GLY C 50 17.60 21.50 13.56
CA GLY C 50 18.37 22.31 12.63
C GLY C 50 19.76 22.68 13.11
N THR C 51 20.07 22.42 14.37
CA THR C 51 21.40 22.73 14.91
C THR C 51 21.65 21.84 16.12
N ASP C 52 22.93 21.65 16.42
CA ASP C 52 23.34 20.85 17.57
C ASP C 52 23.52 21.69 18.84
N ARG C 53 23.43 23.00 18.74
CA ARG C 53 23.61 23.86 19.91
C ARG C 53 22.33 23.93 20.72
N ALA C 54 22.45 23.67 22.02
CA ALA C 54 21.30 23.79 22.91
C ALA C 54 20.98 25.26 23.15
N PRO C 55 19.70 25.63 23.14
CA PRO C 55 19.34 27.00 23.48
C PRO C 55 19.60 27.26 24.96
N VAL C 56 19.72 28.56 25.29
CA VAL C 56 19.91 28.93 26.69
C VAL C 56 18.66 28.59 27.47
N GLY C 57 18.85 27.92 28.62
CA GLY C 57 17.76 27.32 29.35
C GLY C 57 17.66 25.82 29.19
N GLY C 58 18.55 25.19 28.43
CA GLY C 58 18.57 23.76 28.30
C GLY C 58 17.70 23.26 27.15
N LEU C 59 17.85 21.97 26.86
CA LEU C 59 17.09 21.34 25.78
C LEU C 59 15.58 21.38 26.03
N GLY C 60 15.16 21.67 27.26
CA GLY C 60 13.73 21.70 27.54
C GLY C 60 12.99 22.79 26.80
N LYS C 61 13.68 23.88 26.46
CA LYS C 61 13.10 25.00 25.74
C LYS C 61 12.83 24.68 24.27
N LEU C 62 13.33 23.55 23.78
CA LEU C 62 13.02 23.14 22.40
C LEU C 62 11.56 22.74 22.25
N LYS C 63 10.92 22.26 23.33
CA LYS C 63 9.55 21.75 23.30
C LYS C 63 9.36 20.81 22.10
N MET C 64 10.23 19.82 22.03
CA MET C 64 10.21 18.87 20.94
C MET C 64 8.88 18.12 20.89
N ILE C 65 8.43 17.81 19.68
CA ILE C 65 7.25 17.00 19.46
C ILE C 65 7.66 15.78 18.66
N ILE C 66 7.18 14.61 19.09
CA ILE C 66 7.35 13.38 18.32
C ILE C 66 5.98 13.00 17.77
N ALA C 67 5.85 13.05 16.45
CA ALA C 67 4.59 12.84 15.78
C ALA C 67 4.61 11.52 15.02
N LYS C 68 3.60 10.68 15.25
CA LYS C 68 3.38 9.51 14.42
C LYS C 68 2.86 9.95 13.07
N ASN C 69 3.59 9.62 12.01
CA ASN C 69 3.18 9.96 10.65
C ASN C 69 2.76 8.75 9.83
N GLY C 70 2.68 7.56 10.44
CA GLY C 70 2.25 6.37 9.74
C GLY C 70 2.54 5.09 10.50
N PRO C 71 2.04 3.96 9.99
CA PRO C 71 2.34 2.67 10.62
C PRO C 71 3.73 2.18 10.24
N ASP C 72 3.97 0.88 10.40
CA ASP C 72 5.28 0.32 10.06
C ASP C 72 5.57 0.50 8.58
N THR C 73 6.81 0.83 8.28
CA THR C 73 7.25 1.06 6.90
C THR C 73 8.76 0.97 6.85
N GLU C 74 9.30 1.00 5.64
CA GLU C 74 10.74 1.09 5.44
C GLU C 74 11.22 2.52 5.32
N ARG C 75 10.32 3.46 5.04
CA ARG C 75 10.69 4.87 4.96
C ARG C 75 11.32 5.33 6.26
N LEU C 76 12.36 6.15 6.15
CA LEU C 76 13.06 6.68 7.30
C LEU C 76 12.22 7.76 7.98
N PRO C 77 12.51 8.07 9.24
CA PRO C 77 11.86 9.22 9.88
C PRO C 77 12.31 10.51 9.22
N THR C 78 11.42 11.49 9.22
CA THR C 78 11.71 12.82 8.70
C THR C 78 11.65 13.83 9.84
N SER C 79 11.72 15.11 9.49
CA SER C 79 11.77 16.16 10.50
C SER C 79 11.07 17.40 9.99
N HIS C 80 10.68 18.27 10.94
CA HIS C 80 10.06 19.57 10.68
C HIS C 80 10.78 20.54 11.63
N THR C 81 11.93 21.04 11.18
CA THR C 81 12.83 21.78 12.06
C THR C 81 12.18 23.06 12.59
N CYS C 82 11.29 23.68 11.81
CA CYS C 82 10.63 24.90 12.26
C CYS C 82 9.94 24.70 13.60
N PHE C 83 9.29 23.54 13.77
CA PHE C 83 8.54 23.23 14.97
C PHE C 83 9.25 22.23 15.88
N ASN C 84 10.49 21.85 15.57
CA ASN C 84 11.25 20.88 16.34
C ASN C 84 10.48 19.56 16.47
N VAL C 85 9.98 19.07 15.34
CA VAL C 85 9.11 17.91 15.31
C VAL C 85 9.83 16.77 14.59
N LEU C 86 9.92 15.63 15.26
CA LEU C 86 10.37 14.39 14.64
C LEU C 86 9.16 13.65 14.11
N LEU C 87 9.14 13.40 12.81
CA LEU C 87 8.07 12.63 12.18
C LEU C 87 8.48 11.16 12.20
N LEU C 88 7.84 10.39 13.08
CA LEU C 88 8.32 9.05 13.43
C LEU C 88 7.28 7.99 13.11
N PRO C 89 7.49 7.19 12.05
CA PRO C 89 6.58 6.07 11.80
C PRO C 89 6.62 5.06 12.94
N GLU C 90 5.50 4.34 13.12
CA GLU C 90 5.38 3.36 14.20
C GLU C 90 6.02 2.05 13.74
N TYR C 91 7.33 1.97 13.91
CA TYR C 91 8.06 0.78 13.49
C TYR C 91 7.70 -0.40 14.38
N SER C 92 7.79 -1.60 13.79
CA SER C 92 7.35 -2.83 14.44
C SER C 92 8.35 -3.38 15.45
N SER C 93 9.47 -2.70 15.68
CA SER C 93 10.45 -3.22 16.62
C SER C 93 11.36 -2.09 17.08
N LYS C 94 11.94 -2.28 18.26
CA LYS C 94 12.95 -1.33 18.74
C LYS C 94 14.22 -1.40 17.90
N GLU C 95 14.57 -2.60 17.43
CA GLU C 95 15.75 -2.75 16.58
C GLU C 95 15.58 -2.03 15.26
N LYS C 96 14.40 -2.18 14.64
CA LYS C 96 14.13 -1.47 13.39
C LYS C 96 14.11 0.03 13.60
N LEU C 97 13.51 0.48 14.72
CA LEU C 97 13.44 1.91 15.00
C LEU C 97 14.84 2.51 15.14
N LYS C 98 15.71 1.85 15.90
CA LYS C 98 17.08 2.33 16.05
C LYS C 98 17.80 2.39 14.71
N GLU C 99 17.65 1.33 13.90
CA GLU C 99 18.33 1.30 12.60
C GLU C 99 17.83 2.41 11.69
N ARG C 100 16.51 2.54 11.55
CA ARG C 100 15.96 3.57 10.68
C ARG C 100 16.26 4.97 11.20
N LEU C 101 16.26 5.14 12.52
CA LEU C 101 16.55 6.45 13.09
C LEU C 101 18.02 6.83 12.92
N LEU C 102 18.93 5.87 13.16
CA LEU C 102 20.35 6.14 12.96
C LEU C 102 20.64 6.49 11.50
N LYS C 103 20.16 5.66 10.57
CA LYS C 103 20.39 5.91 9.16
C LYS C 103 19.91 7.30 8.75
N ALA C 104 18.82 7.77 9.35
CA ALA C 104 18.28 9.08 8.99
C ALA C 104 19.17 10.21 9.48
N ILE C 105 19.78 10.05 10.66
CA ILE C 105 20.51 11.17 11.28
C ILE C 105 22.01 11.16 10.99
N THR C 106 22.56 10.08 10.42
CA THR C 106 23.97 10.06 10.06
C THR C 106 24.24 10.55 8.64
N TYR C 107 23.22 10.95 7.89
CA TYR C 107 23.44 11.38 6.52
C TYR C 107 24.18 12.72 6.42
N ALA C 108 24.42 13.39 7.54
CA ALA C 108 25.16 14.64 7.53
C ALA C 108 26.51 14.49 8.23
N LEU D 4 -24.59 -22.38 -24.66
CA LEU D 4 -23.42 -22.00 -23.88
C LEU D 4 -23.07 -23.09 -22.88
N ASP D 5 -22.14 -23.96 -23.29
CA ASP D 5 -21.71 -25.09 -22.46
C ASP D 5 -20.57 -24.63 -21.56
N PHE D 6 -20.90 -24.32 -20.31
CA PHE D 6 -19.88 -23.87 -19.36
C PHE D 6 -19.02 -25.02 -18.85
N GLN D 7 -19.46 -26.27 -19.04
CA GLN D 7 -18.61 -27.41 -18.71
C GLN D 7 -17.44 -27.50 -19.68
N ALA D 8 -17.69 -27.24 -20.97
CA ALA D 8 -16.60 -27.16 -21.94
C ALA D 8 -15.72 -25.94 -21.71
N LEU D 9 -16.25 -24.90 -21.07
CA LEU D 9 -15.43 -23.74 -20.73
C LEU D 9 -14.45 -24.09 -19.63
N GLU D 10 -14.91 -24.75 -18.57
CA GLU D 10 -14.04 -25.11 -17.46
C GLU D 10 -12.97 -26.11 -17.89
N GLU D 11 -13.31 -27.03 -18.81
CA GLU D 11 -12.35 -28.04 -19.23
C GLU D 11 -11.19 -27.41 -19.99
N THR D 12 -11.47 -26.43 -20.84
CA THR D 12 -10.43 -25.79 -21.64
C THR D 12 -9.83 -24.56 -20.97
N THR D 13 -10.22 -24.27 -19.73
CA THR D 13 -9.71 -23.09 -19.03
C THR D 13 -8.34 -23.39 -18.43
N GLU D 14 -7.40 -22.47 -18.61
CA GLU D 14 -6.10 -22.52 -17.97
C GLU D 14 -5.88 -21.22 -17.19
N TYR D 15 -4.74 -21.15 -16.51
CA TYR D 15 -4.57 -20.17 -15.44
C TYR D 15 -3.18 -19.56 -15.51
N ASP D 16 -3.06 -18.36 -14.94
CA ASP D 16 -1.83 -17.59 -15.00
C ASP D 16 -1.71 -16.75 -13.74
N GLY D 17 -0.52 -16.18 -13.55
CA GLY D 17 -0.27 -15.30 -12.42
C GLY D 17 -0.23 -15.98 -11.07
N GLY D 18 -0.22 -17.31 -11.02
CA GLY D 18 -0.15 -18.02 -9.76
C GLY D 18 -1.27 -19.02 -9.57
N TYR D 19 -2.43 -18.74 -10.17
CA TYR D 19 -3.57 -19.63 -10.06
C TYR D 19 -3.27 -20.98 -10.71
N THR D 20 -3.93 -22.01 -10.19
CA THR D 20 -3.97 -23.31 -10.84
C THR D 20 -5.42 -23.78 -10.83
N ARG D 21 -5.68 -24.92 -11.47
CA ARG D 21 -7.02 -25.48 -11.43
C ARG D 21 -7.37 -25.99 -10.03
N ASP D 22 -6.39 -26.13 -9.15
CA ASP D 22 -6.60 -26.65 -7.80
C ASP D 22 -6.62 -25.58 -6.72
N SER D 23 -6.24 -24.34 -7.04
CA SER D 23 -6.25 -23.29 -6.03
C SER D 23 -7.67 -23.03 -5.55
N VAL D 24 -7.80 -22.72 -4.26
CA VAL D 24 -9.11 -22.64 -3.61
C VAL D 24 -10.00 -21.62 -4.32
N LEU D 25 -9.44 -20.45 -4.63
CA LEU D 25 -10.23 -19.39 -5.25
C LEU D 25 -10.76 -19.82 -6.62
N ILE D 26 -9.98 -20.60 -7.36
CA ILE D 26 -10.46 -21.09 -8.65
C ILE D 26 -11.62 -22.06 -8.46
N ARG D 27 -11.52 -22.94 -7.45
CA ARG D 27 -12.63 -23.85 -7.16
C ARG D 27 -13.88 -23.07 -6.76
N GLU D 28 -13.73 -22.06 -5.91
CA GLU D 28 -14.86 -21.22 -5.53
C GLU D 28 -15.44 -20.49 -6.74
N PHE D 29 -14.56 -20.05 -7.65
CA PHE D 29 -15.03 -19.37 -8.85
C PHE D 29 -15.95 -20.26 -9.66
N TRP D 30 -15.56 -21.52 -9.86
CA TRP D 30 -16.37 -22.43 -10.67
C TRP D 30 -17.65 -22.81 -9.95
N GLU D 31 -17.62 -22.92 -8.62
CA GLU D 31 -18.86 -23.12 -7.87
C GLU D 31 -19.83 -21.98 -8.10
N ILE D 32 -19.31 -20.76 -8.23
CA ILE D 32 -20.18 -19.60 -8.45
C ILE D 32 -20.77 -19.63 -9.86
N VAL D 33 -19.91 -19.77 -10.87
CA VAL D 33 -20.36 -19.65 -12.25
C VAL D 33 -21.25 -20.83 -12.65
N HIS D 34 -21.09 -21.98 -12.00
CA HIS D 34 -21.98 -23.11 -12.30
C HIS D 34 -23.43 -22.79 -11.94
N SER D 35 -23.63 -21.98 -10.90
CA SER D 35 -24.95 -21.55 -10.48
C SER D 35 -25.36 -20.22 -11.09
N PHE D 36 -24.64 -19.74 -12.09
CA PHE D 36 -25.04 -18.54 -12.80
C PHE D 36 -26.33 -18.77 -13.57
N THR D 37 -27.13 -17.71 -13.68
CA THR D 37 -28.25 -17.75 -14.60
C THR D 37 -27.74 -17.61 -16.05
N ASP D 38 -28.64 -17.85 -17.01
CA ASP D 38 -28.27 -17.69 -18.41
C ASP D 38 -27.90 -16.25 -18.72
N GLU D 39 -28.56 -15.29 -18.07
CA GLU D 39 -28.18 -13.89 -18.25
C GLU D 39 -26.83 -13.59 -17.63
N GLN D 40 -26.57 -14.13 -16.44
CA GLN D 40 -25.27 -13.91 -15.80
C GLN D 40 -24.14 -14.53 -16.61
N LYS D 41 -24.40 -15.68 -17.24
CA LYS D 41 -23.38 -16.32 -18.08
C LYS D 41 -23.13 -15.51 -19.34
N ARG D 42 -24.19 -14.95 -19.93
CA ARG D 42 -24.00 -14.05 -21.06
C ARG D 42 -23.24 -12.80 -20.65
N LEU D 43 -23.56 -12.26 -19.48
CA LEU D 43 -22.84 -11.08 -19.00
C LEU D 43 -21.39 -11.40 -18.68
N PHE D 44 -21.11 -12.64 -18.26
CA PHE D 44 -19.73 -13.03 -18.00
C PHE D 44 -18.93 -13.14 -19.29
N LEU D 45 -19.55 -13.69 -20.34
CA LEU D 45 -18.86 -13.82 -21.62
C LEU D 45 -18.67 -12.46 -22.27
N GLN D 46 -19.64 -11.56 -22.12
CA GLN D 46 -19.51 -10.20 -22.63
C GLN D 46 -18.42 -9.43 -21.90
N PHE D 47 -18.15 -9.81 -20.64
CA PHE D 47 -17.11 -9.14 -19.87
C PHE D 47 -15.73 -9.71 -20.17
N THR D 48 -15.63 -11.04 -20.20
CA THR D 48 -14.34 -11.70 -20.40
C THR D 48 -13.94 -11.70 -21.87
N THR D 49 -14.89 -11.94 -22.77
CA THR D 49 -14.67 -11.84 -24.20
C THR D 49 -15.45 -10.64 -24.74
N GLY D 50 -15.25 -10.36 -26.02
CA GLY D 50 -15.92 -9.24 -26.65
C GLY D 50 -17.39 -9.41 -26.94
N THR D 51 -17.98 -10.54 -26.56
CA THR D 51 -19.33 -10.87 -27.00
C THR D 51 -19.92 -11.95 -26.09
N ASP D 52 -21.24 -11.94 -25.98
CA ASP D 52 -21.95 -12.95 -25.19
C ASP D 52 -22.31 -14.19 -26.01
N ARG D 53 -21.90 -14.25 -27.27
CA ARG D 53 -22.15 -15.40 -28.10
C ARG D 53 -20.95 -16.35 -28.08
N ALA D 54 -21.21 -17.60 -28.43
CA ALA D 54 -20.10 -18.55 -28.47
C ALA D 54 -19.55 -18.65 -29.89
N PRO D 55 -18.22 -18.81 -30.04
CA PRO D 55 -17.65 -18.97 -31.39
C PRO D 55 -17.98 -20.34 -31.96
N VAL D 56 -17.46 -20.63 -33.15
CA VAL D 56 -17.65 -21.96 -33.73
C VAL D 56 -16.86 -22.98 -32.92
N GLY D 57 -17.43 -24.17 -32.77
CA GLY D 57 -16.82 -25.20 -31.96
C GLY D 57 -17.12 -25.13 -30.48
N GLY D 58 -17.99 -24.23 -30.06
CA GLY D 58 -18.38 -24.15 -28.66
C GLY D 58 -17.51 -23.21 -27.84
N LEU D 59 -17.85 -23.14 -26.55
CA LEU D 59 -17.12 -22.28 -25.62
C LEU D 59 -15.68 -22.76 -25.40
N GLY D 60 -15.40 -24.03 -25.70
CA GLY D 60 -14.04 -24.52 -25.58
C GLY D 60 -13.06 -23.81 -26.49
N LYS D 61 -13.53 -23.24 -27.60
CA LYS D 61 -12.67 -22.51 -28.51
C LYS D 61 -12.16 -21.21 -27.92
N LEU D 62 -12.86 -20.67 -26.91
CA LEU D 62 -12.40 -19.43 -26.28
C LEU D 62 -11.04 -19.58 -25.65
N LYS D 63 -10.73 -20.76 -25.12
CA LYS D 63 -9.50 -21.01 -24.37
C LYS D 63 -9.30 -19.91 -23.32
N MET D 64 -10.34 -19.73 -22.50
CA MET D 64 -10.33 -18.69 -21.47
C MET D 64 -9.17 -18.91 -20.51
N ILE D 65 -8.64 -17.81 -19.98
CA ILE D 65 -7.57 -17.84 -19.00
C ILE D 65 -7.98 -16.98 -17.82
N ILE D 66 -7.79 -17.50 -16.61
CA ILE D 66 -8.03 -16.76 -15.37
C ILE D 66 -6.67 -16.48 -14.75
N ALA D 67 -6.32 -15.21 -14.66
CA ALA D 67 -5.01 -14.79 -14.19
C ALA D 67 -5.13 -14.06 -12.87
N LYS D 68 -4.25 -14.40 -11.93
CA LYS D 68 -4.18 -13.70 -10.65
C LYS D 68 -3.40 -12.41 -10.84
N ASN D 69 -4.05 -11.27 -10.64
CA ASN D 69 -3.42 -9.97 -10.83
C ASN D 69 -3.20 -9.24 -9.50
N GLY D 70 -3.22 -9.96 -8.39
CA GLY D 70 -2.93 -9.36 -7.11
C GLY D 70 -3.58 -10.08 -5.95
N PRO D 71 -3.26 -9.64 -4.73
CA PRO D 71 -3.87 -10.26 -3.53
C PRO D 71 -5.28 -9.74 -3.27
N ASP D 72 -5.81 -10.03 -2.08
CA ASP D 72 -7.14 -9.57 -1.73
C ASP D 72 -7.20 -8.04 -1.78
N THR D 73 -8.32 -7.53 -2.30
CA THR D 73 -8.51 -6.10 -2.51
C THR D 73 -9.99 -5.87 -2.74
N GLU D 74 -10.40 -4.60 -2.65
CA GLU D 74 -11.77 -4.22 -2.99
C GLU D 74 -11.94 -3.89 -4.46
N ARG D 75 -10.84 -3.75 -5.21
CA ARG D 75 -10.93 -3.46 -6.63
C ARG D 75 -11.65 -4.59 -7.36
N LEU D 76 -12.46 -4.21 -8.35
CA LEU D 76 -13.20 -5.19 -9.13
C LEU D 76 -12.24 -5.98 -10.03
N PRO D 77 -12.65 -7.17 -10.47
CA PRO D 77 -11.87 -7.88 -11.47
C PRO D 77 -11.97 -7.17 -12.82
N THR D 78 -10.90 -7.28 -13.60
CA THR D 78 -10.87 -6.73 -14.95
C THR D 78 -10.74 -7.88 -15.95
N SER D 79 -10.53 -7.53 -17.22
CA SER D 79 -10.45 -8.54 -18.26
C SER D 79 -9.64 -8.00 -19.43
N HIS D 80 -9.07 -8.93 -20.19
CA HIS D 80 -8.36 -8.62 -21.43
C HIS D 80 -9.08 -9.41 -22.52
N THR D 81 -10.03 -8.74 -23.20
CA THR D 81 -10.89 -9.45 -24.14
C THR D 81 -10.13 -9.98 -25.34
N CYS D 82 -9.02 -9.32 -25.72
CA CYS D 82 -8.21 -9.80 -26.84
C CYS D 82 -7.77 -11.23 -26.62
N PHE D 83 -7.40 -11.58 -25.39
CA PHE D 83 -6.88 -12.90 -25.08
C PHE D 83 -7.86 -13.75 -24.26
N ASN D 84 -9.10 -13.28 -24.10
CA ASN D 84 -10.12 -14.00 -23.31
C ASN D 84 -9.62 -14.27 -21.90
N VAL D 85 -9.04 -13.26 -21.27
CA VAL D 85 -8.43 -13.40 -19.95
C VAL D 85 -9.29 -12.64 -18.94
N LEU D 86 -9.55 -13.31 -17.81
CA LEU D 86 -10.19 -12.68 -16.67
C LEU D 86 -9.12 -12.41 -15.62
N LEU D 87 -8.88 -11.13 -15.34
CA LEU D 87 -7.88 -10.72 -14.35
C LEU D 87 -8.56 -10.68 -12.98
N LEU D 88 -8.26 -11.66 -12.15
CA LEU D 88 -9.02 -11.90 -10.92
C LEU D 88 -8.13 -11.77 -9.69
N PRO D 89 -8.31 -10.74 -8.86
CA PRO D 89 -7.58 -10.69 -7.59
C PRO D 89 -7.95 -11.88 -6.70
N GLU D 90 -7.05 -12.22 -5.79
CA GLU D 90 -7.24 -13.37 -4.90
C GLU D 90 -8.02 -12.92 -3.67
N TYR D 91 -9.34 -12.88 -3.84
CA TYR D 91 -10.23 -12.37 -2.81
C TYR D 91 -10.22 -13.26 -1.57
N SER D 92 -10.67 -12.68 -0.45
CA SER D 92 -10.59 -13.38 0.83
C SER D 92 -11.56 -14.55 0.90
N SER D 93 -12.78 -14.37 0.40
CA SER D 93 -13.82 -15.37 0.57
C SER D 93 -14.57 -15.57 -0.74
N LYS D 94 -15.34 -16.66 -0.79
CA LYS D 94 -16.13 -16.97 -1.98
C LYS D 94 -17.27 -15.98 -2.18
N GLU D 95 -17.87 -15.51 -1.09
CA GLU D 95 -18.98 -14.56 -1.23
C GLU D 95 -18.49 -13.20 -1.70
N LYS D 96 -17.32 -12.78 -1.26
CA LYS D 96 -16.72 -11.55 -1.80
C LYS D 96 -16.39 -11.71 -3.27
N LEU D 97 -15.86 -12.89 -3.64
CA LEU D 97 -15.56 -13.14 -5.04
C LEU D 97 -16.82 -13.09 -5.90
N LYS D 98 -17.91 -13.70 -5.42
CA LYS D 98 -19.18 -13.66 -6.15
C LYS D 98 -19.72 -12.24 -6.25
N GLU D 99 -19.57 -11.45 -5.18
CA GLU D 99 -20.10 -10.09 -5.16
C GLU D 99 -19.31 -9.18 -6.08
N ARG D 100 -17.98 -9.24 -6.00
CA ARG D 100 -17.14 -8.41 -6.86
C ARG D 100 -17.25 -8.83 -8.32
N LEU D 101 -17.38 -10.13 -8.57
CA LEU D 101 -17.52 -10.61 -9.95
C LEU D 101 -18.83 -10.16 -10.56
N LEU D 102 -19.93 -10.29 -9.80
CA LEU D 102 -21.24 -9.86 -10.30
C LEU D 102 -21.29 -8.36 -10.50
N LYS D 103 -20.68 -7.59 -9.59
CA LYS D 103 -20.65 -6.14 -9.73
C LYS D 103 -19.88 -5.73 -10.99
N ALA D 104 -18.86 -6.50 -11.36
CA ALA D 104 -18.06 -6.16 -12.53
C ALA D 104 -18.80 -6.46 -13.82
N ILE D 105 -19.49 -7.59 -13.89
CA ILE D 105 -20.08 -8.03 -15.16
C ILE D 105 -21.41 -7.35 -15.46
N THR D 106 -22.10 -6.83 -14.45
CA THR D 106 -23.39 -6.18 -14.65
C THR D 106 -23.26 -4.69 -14.92
N TYR D 107 -22.05 -4.14 -14.91
CA TYR D 107 -21.84 -2.72 -15.18
C TYR D 107 -21.99 -2.42 -16.66
O ZY9 E 1 1.56 27.07 3.97
C ZY9 E 1 1.22 26.72 5.06
CA ZY9 E 1 0.82 27.76 6.15
N11 ZY9 E 1 0.63 27.28 7.36
C9 ZY9 E 1 0.69 29.11 5.87
C8 ZY9 E 1 0.33 29.98 6.90
C6 ZY9 E 1 0.14 29.43 8.18
C7 ZY9 E 1 0.30 28.07 8.37
C2 ZY9 E 1 0.07 27.44 9.77
N ZY9 E 1 0.55 28.37 10.82
C 9JC E 2 0.00 21.70 8.62
C93 9JC E 2 1.97 19.10 4.64
C94 9JC E 2 1.57 20.43 5.32
C95 9JC E 2 1.01 20.43 6.62
CA 9JC E 2 0.66 21.66 7.21
C97 9JC E 2 2.35 21.78 3.36
C98 9JC E 2 1.78 21.69 4.67
C99 9JC E 2 1.40 22.84 5.32
N 9JC E 2 1.19 25.31 5.48
N4 9JC E 2 0.85 22.81 6.58
N5 9JC E 2 2.19 18.09 5.67
O 9JC E 2 0.15 20.80 9.40
C100 9JC E 2 1.57 24.12 4.69
C101 9JC E 2 2.15 24.20 3.42
C102 9JC E 2 2.53 23.03 2.75
O ZY9 E 3 -3.25 27.99 7.37
C ZY9 E 3 -2.90 26.86 7.55
CA ZY9 E 3 -2.96 26.21 8.94
N11 ZY9 E 3 -2.33 25.06 9.08
C9 ZY9 E 3 -3.61 26.81 10.01
C8 ZY9 E 3 -3.61 26.14 11.24
C6 ZY9 E 3 -2.95 24.91 11.35
C7 ZY9 E 3 -2.31 24.40 10.22
C2 ZY9 E 3 -1.54 23.03 10.26
N ZY9 E 3 -0.85 22.87 8.97
C 9JV E 4 -1.66 21.52 4.66
C76 9JV E 4 -1.35 24.32 2.02
C77 9JV E 4 -1.35 23.03 2.60
CA 9JV E 4 -1.62 22.92 3.98
C79 9JV E 4 -1.62 26.77 2.37
C80 9JV E 4 -1.61 25.44 2.87
C81 9JV E 4 -1.85 25.24 4.21
C82 9JV E 4 -2.14 26.33 5.08
C83 9JV E 4 -2.14 27.63 4.59
C84 9JV E 4 -1.87 27.85 3.23
N2 9JV E 4 -1.86 23.97 4.74
N 9JV E 4 -2.37 26.01 6.48
O 9JV E 4 -1.27 20.54 4.12
O15 9JV E 4 -1.07 24.48 0.65
C103 9JV E 4 -0.72 23.30 -0.02
N GLY E 5 -2.23 21.43 6.03
CA GLY E 5 -2.32 20.14 6.75
C GLY E 5 -3.22 20.32 8.02
N PHE E 6 -3.42 19.15 8.91
CA PHE E 6 -4.27 19.26 10.09
C PHE E 6 -3.43 18.89 11.33
N TRP E 7 -1.94 19.10 11.30
CA TRP E 7 -1.14 18.75 12.46
C TRP E 7 -1.52 19.66 13.63
N ARG E 8 -1.89 19.03 14.92
CA ARG E 8 -2.27 19.83 16.07
C ARG E 8 -1.07 20.65 16.59
N TYR E 9 0.33 20.08 16.56
CA TYR E 9 1.46 20.85 17.06
C TYR E 9 1.59 22.20 16.30
N VAL E 10 1.24 22.32 14.85
CA VAL E 10 1.38 23.63 14.18
C VAL E 10 0.44 24.64 14.82
N TYR E 11 -0.93 24.23 15.05
CA TYR E 11 -1.92 25.08 15.66
C TYR E 11 -1.49 25.45 17.10
N GLN E 12 -0.62 24.51 17.87
CA GLN E 12 -0.18 24.80 19.23
C GLN E 12 0.97 25.83 19.25
N LYS E 13 2.10 25.68 18.28
CA LYS E 13 3.22 26.63 18.29
C LYS E 13 3.01 27.81 17.33
N CCS E 14 1.80 27.94 16.50
CA CCS E 14 1.68 29.10 15.61
CB CCS E 14 0.55 28.91 14.60
SG CCS E 14 0.86 30.02 13.17
CD CCS E 14 2.38 29.48 12.28
CE CCS E 14 1.97 28.48 11.17
OZ1 CCS E 14 2.79 27.83 10.61
C CCS E 14 1.44 30.37 16.41
O CCS E 14 0.51 30.45 17.15
C1 GM1 E 15 2.96 32.90 18.31
N1 GM1 E 15 3.82 31.82 18.77
O1 GM1 E 15 2.86 33.91 18.95
C2 GM1 E 15 2.17 32.75 17.00
N2 GM1 E 15 2.36 31.50 16.26
O ZY9 F 1 2.21 -3.27 -27.35
C ZY9 F 1 2.36 -4.39 -26.98
CA ZY9 F 1 2.78 -5.52 -27.96
N11 ZY9 F 1 2.67 -6.75 -27.51
C9 ZY9 F 1 3.23 -5.24 -29.26
C8 ZY9 F 1 3.58 -6.32 -30.08
C6 ZY9 F 1 3.45 -7.61 -29.56
C7 ZY9 F 1 2.99 -7.79 -28.27
C2 ZY9 F 1 2.85 -9.21 -27.68
N ZY9 F 1 2.33 -10.11 -28.73
C 9JC F 2 2.08 -8.11 -21.87
C93 9JC F 2 0.38 -3.84 -19.59
C94 9JC F 2 0.89 -4.59 -20.85
C95 9JC F 2 1.22 -5.95 -20.77
CA 9JC F 2 1.68 -6.62 -21.93
C97 9JC F 2 0.73 -2.53 -22.25
C98 9JC F 2 1.05 -3.92 -22.11
C99 9JC F 2 1.51 -4.63 -23.19
N 9JC F 2 2.15 -4.81 -25.59
N4 9JC F 2 1.83 -5.96 -23.08
N5 9JC F 2 -0.29 -4.79 -18.71
O 9JC F 2 1.62 -8.84 -21.04
C100 9JC F 2 1.69 -3.98 -24.46
C101 9JC F 2 1.36 -2.63 -24.60
C102 9JC F 2 0.88 -1.91 -23.49
O ZY9 F 3 6.35 -7.58 -27.55
C ZY9 F 3 5.91 -7.65 -26.44
CA ZY9 F 3 5.67 -9.01 -25.78
N11 ZY9 F 3 4.85 -9.03 -24.74
C9 ZY9 F 3 6.28 -10.17 -26.24
C8 ZY9 F 3 5.99 -11.38 -25.56
C6 ZY9 F 3 5.12 -11.36 -24.47
C7 ZY9 F 3 4.55 -10.15 -24.09
C2 ZY9 F 3 3.56 -10.02 -22.88
N ZY9 F 3 3.08 -8.63 -22.84
C 9JV F 4 4.42 -4.44 -21.39
C76 9JV F 4 4.98 -1.85 -24.20
C77 9JV F 4 4.69 -2.39 -22.94
CA 9JV F 4 4.72 -3.78 -22.77
C79 9JV F 4 5.61 -2.32 -26.58
C80 9JV F 4 5.29 -2.77 -25.27
C81 9JV F 4 5.29 -4.11 -25.01
C82 9JV F 4 5.62 -5.07 -26.03
C83 9JV F 4 5.91 -4.63 -27.32
C84 9JV F 4 5.90 -3.24 -27.60
N2 9JV F 4 5.01 -4.59 -23.77
N 9JV F 4 5.55 -6.47 -25.65
O 9JV F 4 4.03 -3.79 -20.47
O15 9JV F 4 4.97 -0.46 -24.42
C103 9JV F 4 4.60 0.29 -23.28
N GLY F 5 4.67 -5.89 -21.26
CA GLY F 5 4.43 -6.60 -19.98
C GLY F 5 5.12 -8.00 -20.06
N PHE F 6 4.99 -8.91 -18.90
CA PHE F 6 5.64 -10.22 -18.93
C PHE F 6 4.54 -11.29 -18.73
N TRP F 7 3.16 -11.02 -19.24
CA TRP F 7 2.14 -12.04 -19.04
C TRP F 7 2.50 -13.24 -19.93
N ARG F 8 2.64 -14.56 -19.30
CA ARG F 8 2.99 -15.75 -20.05
C ARG F 8 1.85 -16.10 -21.03
N TYR F 9 0.43 -15.75 -20.65
CA TYR F 9 -0.66 -16.08 -21.57
C TYR F 9 -0.55 -15.29 -22.90
N VAL F 10 0.10 -13.94 -22.94
CA VAL F 10 0.18 -13.21 -24.22
C VAL F 10 1.20 -13.95 -25.08
N TYR F 11 2.41 -14.41 -24.42
CA TYR F 11 3.46 -15.12 -25.12
C TYR F 11 2.92 -16.47 -25.64
N GLN F 12 1.81 -17.14 -24.93
CA GLN F 12 1.26 -18.43 -25.36
C GLN F 12 0.26 -18.29 -26.53
N LYS F 13 -0.70 -17.15 -26.57
CA LYS F 13 -1.66 -17.05 -27.68
C LYS F 13 -1.13 -16.16 -28.82
N CCS F 14 0.11 -15.36 -28.66
CA CCS F 14 0.56 -14.52 -29.78
CB CCS F 14 1.79 -13.69 -29.41
SG CCS F 14 1.85 -12.24 -30.55
CD CCS F 14 0.45 -11.13 -30.18
CE CCS F 14 0.90 -10.15 -29.06
OZ1 CCS F 14 0.11 -9.48 -28.50
C CCS F 14 0.88 -15.37 -31.01
O CCS F 14 1.62 -16.31 -30.93
C1 GM1 F 15 -0.57 -16.74 -33.92
N1 GM1 F 15 -1.80 -16.80 -33.16
O1 GM1 F 15 -0.43 -17.44 -34.88
C2 GM1 F 15 0.55 -15.79 -33.49
N2 GM1 F 15 0.29 -15.01 -32.29
#